data_1WYW
#
_entry.id   1WYW
#
_cell.length_a   42.212
_cell.length_b   70.420
_cell.length_c   106.434
_cell.angle_alpha   90.00
_cell.angle_beta   90.00
_cell.angle_gamma   90.00
#
_symmetry.space_group_name_H-M   'P 21 21 21'
#
loop_
_entity.id
_entity.type
_entity.pdbx_description
1 polymer 'G/T mismatch-specific thymine DNA glycosylase'
2 polymer 'Ubiquitin-like protein SMT3C'
3 non-polymer 'CHLORIDE ION'
4 non-polymer 'MAGNESIUM ION'
5 non-polymer 'SODIUM ION'
6 water water
#
loop_
_entity_poly.entity_id
_entity_poly.type
_entity_poly.pdbx_seq_one_letter_code
_entity_poly.pdbx_strand_id
1 'polypeptide(L)'
;GSNGVSEAELLTKTLPDILTFNLDIVIIGINPGLMAAYKGHHYPGPGNHFWKCLFMSGLSEVQLNHMDDHTLPGKYGIGF
TNMVERTTPGSKDLSSKEFREGGRILVQKLQKYQPRIAVFNGKCIYEIFSKEVFGVKVKNLEFGLQPHKIPDTETLCYVM
PSSSARCAQFPRAQDKVHYYIKLKDLRDQLKGIERNMDVQEVQYTFDLQLAQEDAKKMAVKEEKYDPGYE
;
A
2 'polypeptide(L)'
;MSDQEAKPSTEDLGDKKEGEYIKLKVIGQDSSEIHFKVKMTTHLKKLKESYCQRQGVPMNSLRFLFEGQRIADNHTPKEL
GMEEEDVIEVYQEQTGG
;
B
#
loop_
_chem_comp.id
_chem_comp.type
_chem_comp.name
_chem_comp.formula
CL non-polymer 'CHLORIDE ION' 'Cl -1'
MG non-polymer 'MAGNESIUM ION' 'Mg 2'
NA non-polymer 'SODIUM ION' 'Na 1'
#
# COMPACT_ATOMS: atom_id res chain seq x y z
N ALA A 8 -3.59 -29.86 -14.08
CA ALA A 8 -2.85 -29.12 -15.14
C ALA A 8 -1.48 -28.66 -14.64
N GLU A 9 -0.54 -28.48 -15.55
CA GLU A 9 0.78 -28.05 -15.15
C GLU A 9 0.69 -26.55 -14.85
N LEU A 10 1.40 -26.13 -13.82
CA LEU A 10 1.37 -24.74 -13.36
C LEU A 10 1.40 -23.63 -14.41
N LEU A 11 2.29 -23.72 -15.39
CA LEU A 11 2.39 -22.65 -16.39
C LEU A 11 1.18 -22.52 -17.32
N THR A 12 0.26 -23.48 -17.27
CA THR A 12 -0.93 -23.40 -18.12
C THR A 12 -2.12 -22.82 -17.36
N LYS A 13 -2.02 -22.76 -16.03
CA LYS A 13 -3.09 -22.24 -15.19
C LYS A 13 -3.26 -20.74 -15.33
N THR A 14 -4.48 -20.26 -15.10
CA THR A 14 -4.76 -18.84 -15.13
C THR A 14 -5.46 -18.51 -13.82
N LEU A 15 -5.58 -17.22 -13.53
CA LEU A 15 -6.20 -16.78 -12.30
C LEU A 15 -7.46 -15.97 -12.59
N PRO A 16 -8.64 -16.48 -12.20
CA PRO A 16 -9.90 -15.76 -12.44
C PRO A 16 -9.82 -14.38 -11.79
N ASP A 17 -10.12 -13.34 -12.56
CA ASP A 17 -10.06 -12.04 -11.93
C ASP A 17 -11.30 -11.86 -11.06
N ILE A 18 -11.31 -10.79 -10.27
CA ILE A 18 -12.42 -10.50 -9.39
C ILE A 18 -12.84 -9.08 -9.72
N LEU A 19 -13.83 -8.97 -10.60
CA LEU A 19 -14.31 -7.67 -11.05
C LEU A 19 -15.83 -7.60 -11.04
N THR A 20 -16.34 -6.40 -10.80
CA THR A 20 -17.77 -6.14 -10.79
C THR A 20 -17.91 -4.66 -11.11
N PHE A 21 -19.14 -4.17 -11.19
CA PHE A 21 -19.35 -2.76 -11.46
C PHE A 21 -19.32 -2.03 -10.13
N ASN A 22 -19.19 -0.70 -10.18
CA ASN A 22 -19.18 0.13 -8.98
C ASN A 22 -18.02 -0.09 -7.99
N LEU A 23 -16.89 -0.57 -8.47
CA LEU A 23 -15.73 -0.78 -7.61
C LEU A 23 -14.98 0.53 -7.45
N ASP A 24 -14.36 0.73 -6.30
CA ASP A 24 -13.58 1.93 -6.07
C ASP A 24 -12.14 1.68 -6.50
N ILE A 25 -11.70 0.44 -6.34
CA ILE A 25 -10.32 0.07 -6.63
C ILE A 25 -10.14 -1.28 -7.31
N VAL A 26 -9.24 -1.33 -8.28
CA VAL A 26 -8.89 -2.58 -8.97
C VAL A 26 -7.38 -2.68 -8.91
N ILE A 27 -6.89 -3.71 -8.23
CA ILE A 27 -5.47 -3.93 -8.10
C ILE A 27 -4.99 -4.63 -9.37
N ILE A 28 -4.03 -4.02 -10.05
CA ILE A 28 -3.52 -4.57 -11.30
C ILE A 28 -2.04 -4.93 -11.23
N GLY A 29 -1.73 -6.20 -11.49
CA GLY A 29 -0.35 -6.66 -11.49
C GLY A 29 0.06 -6.98 -12.92
N ILE A 30 1.27 -7.52 -13.11
CA ILE A 30 1.73 -7.85 -14.45
C ILE A 30 1.00 -9.09 -14.96
N ASN A 31 1.04 -10.15 -14.18
CA ASN A 31 0.39 -11.39 -14.53
C ASN A 31 0.30 -12.21 -13.23
N PRO A 32 -0.38 -13.36 -13.27
CA PRO A 32 -0.50 -14.20 -12.06
C PRO A 32 0.83 -14.73 -11.55
N GLY A 33 1.06 -14.58 -10.25
CA GLY A 33 2.29 -15.11 -9.67
C GLY A 33 2.15 -16.62 -9.59
N LEU A 34 3.26 -17.32 -9.38
CA LEU A 34 3.21 -18.79 -9.33
C LEU A 34 2.31 -19.33 -8.23
N MET A 35 2.44 -18.79 -7.02
CA MET A 35 1.62 -19.27 -5.92
C MET A 35 0.15 -18.87 -6.12
N ALA A 36 -0.08 -17.67 -6.63
CA ALA A 36 -1.45 -17.22 -6.87
C ALA A 36 -2.13 -18.17 -7.87
N ALA A 37 -1.45 -18.43 -8.99
CA ALA A 37 -2.01 -19.32 -10.00
C ALA A 37 -2.22 -20.73 -9.46
N TYR A 38 -1.28 -21.18 -8.65
CA TYR A 38 -1.34 -22.52 -8.07
C TYR A 38 -2.54 -22.67 -7.13
N LYS A 39 -2.71 -21.72 -6.21
CA LYS A 39 -3.80 -21.76 -5.24
C LYS A 39 -5.15 -21.24 -5.75
N GLY A 40 -5.12 -20.43 -6.79
CA GLY A 40 -6.35 -19.87 -7.33
C GLY A 40 -6.90 -18.70 -6.52
N HIS A 41 -6.01 -17.93 -5.92
CA HIS A 41 -6.39 -16.77 -5.11
C HIS A 41 -5.35 -15.70 -5.33
N HIS A 42 -5.77 -14.44 -5.20
CA HIS A 42 -4.87 -13.32 -5.41
C HIS A 42 -3.91 -13.02 -4.26
N TYR A 43 -2.65 -12.79 -4.62
CA TYR A 43 -1.58 -12.45 -3.69
C TYR A 43 -1.42 -13.31 -2.43
N PRO A 44 -1.28 -14.63 -2.59
CA PRO A 44 -1.11 -15.46 -1.40
C PRO A 44 0.31 -15.28 -0.88
N GLY A 45 0.43 -14.90 0.40
CA GLY A 45 1.75 -14.70 0.98
C GLY A 45 2.47 -16.03 1.14
N PRO A 46 3.59 -16.07 1.89
CA PRO A 46 4.26 -14.99 2.62
C PRO A 46 5.19 -14.17 1.72
N GLY A 47 5.34 -14.61 0.47
CA GLY A 47 6.19 -13.91 -0.47
C GLY A 47 5.56 -12.63 -1.03
N ASN A 48 4.43 -12.22 -0.44
CA ASN A 48 3.74 -11.01 -0.89
C ASN A 48 3.23 -10.20 0.31
N HIS A 49 3.27 -8.87 0.22
CA HIS A 49 2.84 -7.99 1.32
C HIS A 49 1.45 -7.38 1.15
N PHE A 50 0.72 -7.75 0.09
CA PHE A 50 -0.58 -7.14 -0.16
C PHE A 50 -1.56 -7.22 1.01
N TRP A 51 -1.87 -8.42 1.47
CA TRP A 51 -2.84 -8.57 2.56
C TRP A 51 -2.42 -7.87 3.84
N LYS A 52 -1.13 -7.90 4.17
CA LYS A 52 -0.67 -7.22 5.39
C LYS A 52 -0.87 -5.72 5.23
N CYS A 53 -0.41 -5.18 4.09
CA CYS A 53 -0.57 -3.74 3.82
C CYS A 53 -2.05 -3.34 3.78
N LEU A 54 -2.90 -4.23 3.26
CA LEU A 54 -4.32 -3.93 3.18
C LEU A 54 -4.87 -3.66 4.59
N PHE A 55 -4.44 -4.44 5.58
CA PHE A 55 -4.90 -4.23 6.94
C PHE A 55 -4.15 -3.09 7.63
N MET A 56 -2.83 -3.05 7.47
CA MET A 56 -2.02 -2.01 8.11
C MET A 56 -2.40 -0.58 7.70
N SER A 57 -2.94 -0.44 6.49
CA SER A 57 -3.36 0.87 5.98
C SER A 57 -4.81 1.17 6.34
N GLY A 58 -5.50 0.18 6.90
CA GLY A 58 -6.89 0.38 7.26
C GLY A 58 -7.87 0.14 6.11
N LEU A 59 -7.38 -0.36 4.99
CA LEU A 59 -8.29 -0.64 3.87
C LEU A 59 -9.24 -1.78 4.24
N SER A 60 -8.77 -2.69 5.10
CA SER A 60 -9.61 -3.79 5.57
C SER A 60 -9.73 -3.61 7.08
N GLU A 61 -10.86 -4.01 7.65
CA GLU A 61 -11.13 -3.90 9.08
C GLU A 61 -10.31 -4.85 9.94
N VAL A 62 -10.05 -6.04 9.41
CA VAL A 62 -9.29 -7.06 10.12
C VAL A 62 -8.22 -7.58 9.17
N GLN A 63 -7.30 -8.38 9.70
CA GLN A 63 -6.24 -8.97 8.89
C GLN A 63 -6.81 -10.13 8.08
N LEU A 64 -6.85 -9.97 6.76
CA LEU A 64 -7.37 -11.01 5.88
C LEU A 64 -6.22 -11.73 5.19
N ASN A 65 -6.55 -12.75 4.41
CA ASN A 65 -5.56 -13.50 3.65
C ASN A 65 -6.12 -13.77 2.27
N HIS A 66 -5.33 -14.40 1.40
CA HIS A 66 -5.76 -14.68 0.04
C HIS A 66 -7.08 -15.42 -0.12
N MET A 67 -7.47 -16.21 0.88
CA MET A 67 -8.72 -16.95 0.78
C MET A 67 -9.95 -16.06 0.95
N ASP A 68 -9.72 -14.80 1.29
CA ASP A 68 -10.79 -13.84 1.50
C ASP A 68 -10.93 -12.91 0.28
N ASP A 69 -10.09 -13.10 -0.73
CA ASP A 69 -10.14 -12.23 -1.90
C ASP A 69 -11.53 -12.03 -2.50
N HIS A 70 -12.34 -13.07 -2.48
CA HIS A 70 -13.70 -13.00 -3.03
C HIS A 70 -14.62 -12.02 -2.29
N THR A 71 -14.31 -11.71 -1.04
CA THR A 71 -15.14 -10.78 -0.27
C THR A 71 -14.82 -9.30 -0.52
N LEU A 72 -13.69 -9.01 -1.14
CA LEU A 72 -13.31 -7.61 -1.36
C LEU A 72 -14.24 -6.73 -2.18
N PRO A 73 -14.80 -7.26 -3.28
CA PRO A 73 -15.69 -6.38 -4.04
C PRO A 73 -16.87 -5.91 -3.20
N GLY A 74 -17.56 -6.88 -2.61
CA GLY A 74 -18.74 -6.58 -1.81
C GLY A 74 -18.55 -5.77 -0.54
N LYS A 75 -17.53 -6.11 0.24
CA LYS A 75 -17.30 -5.42 1.49
C LYS A 75 -16.35 -4.23 1.42
N TYR A 76 -15.43 -4.25 0.46
CA TYR A 76 -14.47 -3.16 0.38
C TYR A 76 -14.40 -2.39 -0.92
N GLY A 77 -15.18 -2.80 -1.92
CA GLY A 77 -15.16 -2.09 -3.18
C GLY A 77 -13.82 -2.24 -3.87
N ILE A 78 -13.18 -3.39 -3.67
CA ILE A 78 -11.88 -3.69 -4.28
C ILE A 78 -11.93 -4.96 -5.14
N GLY A 79 -11.29 -4.90 -6.30
CA GLY A 79 -11.25 -6.04 -7.20
C GLY A 79 -9.83 -6.34 -7.68
N PHE A 80 -9.68 -7.38 -8.50
CA PHE A 80 -8.37 -7.79 -9.00
C PHE A 80 -8.34 -8.27 -10.44
N THR A 81 -7.22 -8.01 -11.10
CA THR A 81 -6.95 -8.48 -12.45
C THR A 81 -5.49 -8.20 -12.76
N ASN A 82 -5.04 -8.63 -13.93
CA ASN A 82 -3.65 -8.40 -14.31
C ASN A 82 -3.52 -8.06 -15.79
N MET A 83 -2.40 -7.43 -16.11
CA MET A 83 -2.07 -7.02 -17.48
C MET A 83 -2.13 -8.20 -18.45
N VAL A 84 -1.47 -9.29 -18.07
CA VAL A 84 -1.42 -10.49 -18.88
C VAL A 84 -1.98 -11.65 -18.05
N GLU A 85 -2.83 -12.46 -18.66
CA GLU A 85 -3.44 -13.57 -17.92
C GLU A 85 -2.54 -14.79 -17.79
N ARG A 86 -1.53 -14.91 -18.65
CA ARG A 86 -0.63 -16.05 -18.62
C ARG A 86 0.33 -16.08 -17.43
N THR A 87 0.39 -17.22 -16.77
CA THR A 87 1.26 -17.40 -15.61
C THR A 87 2.68 -17.70 -16.07
N THR A 88 3.65 -17.06 -15.44
CA THR A 88 5.06 -17.27 -15.76
C THR A 88 5.99 -16.30 -15.04
N PRO A 89 7.10 -16.82 -14.49
CA PRO A 89 8.04 -15.93 -13.80
C PRO A 89 8.78 -15.13 -14.89
N GLY A 90 9.54 -14.12 -14.48
CA GLY A 90 10.25 -13.32 -15.44
C GLY A 90 9.29 -12.52 -16.30
N SER A 91 8.10 -12.26 -15.76
CA SER A 91 7.07 -11.52 -16.47
C SER A 91 7.38 -10.04 -16.66
N LYS A 92 8.46 -9.55 -16.05
CA LYS A 92 8.81 -8.15 -16.23
C LYS A 92 9.39 -7.97 -17.63
N ASP A 93 9.79 -9.09 -18.23
CA ASP A 93 10.40 -9.02 -19.55
C ASP A 93 9.66 -9.84 -20.62
N LEU A 94 8.33 -9.84 -20.56
CA LEU A 94 7.55 -10.56 -21.56
C LEU A 94 7.68 -9.81 -22.88
N SER A 95 7.20 -10.40 -23.98
CA SER A 95 7.30 -9.75 -25.28
C SER A 95 6.40 -8.50 -25.35
N SER A 96 6.82 -7.54 -26.16
CA SER A 96 6.08 -6.30 -26.34
C SER A 96 4.69 -6.59 -26.87
N LYS A 97 4.60 -7.57 -27.75
CA LYS A 97 3.35 -7.97 -28.35
C LYS A 97 2.39 -8.60 -27.34
N GLU A 98 2.91 -9.41 -26.42
CA GLU A 98 2.04 -10.04 -25.43
C GLU A 98 1.51 -8.97 -24.47
N PHE A 99 2.38 -8.07 -24.05
CA PHE A 99 2.00 -7.00 -23.15
C PHE A 99 0.95 -6.11 -23.81
N ARG A 100 1.20 -5.76 -25.07
CA ARG A 100 0.31 -4.89 -25.83
C ARG A 100 -1.07 -5.49 -25.99
N GLU A 101 -1.14 -6.78 -26.26
CA GLU A 101 -2.43 -7.46 -26.42
C GLU A 101 -3.11 -7.55 -25.05
N GLY A 102 -2.33 -7.85 -24.02
CA GLY A 102 -2.90 -7.93 -22.69
C GLY A 102 -3.46 -6.56 -22.30
N GLY A 103 -2.74 -5.51 -22.69
CA GLY A 103 -3.18 -4.16 -22.39
C GLY A 103 -4.51 -3.83 -23.01
N ARG A 104 -4.71 -4.27 -24.25
CA ARG A 104 -5.96 -4.02 -24.95
C ARG A 104 -7.11 -4.69 -24.18
N ILE A 105 -6.90 -5.94 -23.80
CA ILE A 105 -7.92 -6.67 -23.06
C ILE A 105 -8.19 -6.01 -21.71
N LEU A 106 -7.14 -5.58 -21.03
CA LEU A 106 -7.29 -4.94 -19.73
C LEU A 106 -8.10 -3.65 -19.84
N VAL A 107 -7.76 -2.80 -20.81
CA VAL A 107 -8.47 -1.54 -21.00
C VAL A 107 -9.93 -1.81 -21.33
N GLN A 108 -10.16 -2.89 -22.07
CA GLN A 108 -11.52 -3.26 -22.44
C GLN A 108 -12.33 -3.54 -21.17
N LYS A 109 -11.74 -4.32 -20.25
CA LYS A 109 -12.41 -4.64 -19.00
C LYS A 109 -12.64 -3.40 -18.14
N LEU A 110 -11.66 -2.51 -18.09
CA LEU A 110 -11.78 -1.31 -17.29
C LEU A 110 -12.86 -0.38 -17.84
N GLN A 111 -12.98 -0.31 -19.16
CA GLN A 111 -13.98 0.54 -19.79
C GLN A 111 -15.36 -0.05 -19.56
N LYS A 112 -15.41 -1.35 -19.28
CA LYS A 112 -16.68 -2.01 -19.02
C LYS A 112 -17.12 -1.83 -17.57
N TYR A 113 -16.25 -2.18 -16.63
CA TYR A 113 -16.58 -2.08 -15.22
C TYR A 113 -16.47 -0.70 -14.60
N GLN A 114 -15.66 0.16 -15.23
CA GLN A 114 -15.48 1.52 -14.75
C GLN A 114 -15.20 1.70 -13.27
N PRO A 115 -14.08 1.15 -12.77
CA PRO A 115 -13.75 1.30 -11.36
C PRO A 115 -13.21 2.72 -11.19
N ARG A 116 -13.35 3.29 -10.01
CA ARG A 116 -12.87 4.65 -9.77
C ARG A 116 -11.36 4.79 -9.92
N ILE A 117 -10.62 3.79 -9.44
CA ILE A 117 -9.17 3.84 -9.50
C ILE A 117 -8.50 2.54 -9.93
N ALA A 118 -7.67 2.62 -10.95
CA ALA A 118 -6.92 1.47 -11.42
C ALA A 118 -5.60 1.60 -10.63
N VAL A 119 -5.38 0.64 -9.73
CA VAL A 119 -4.19 0.65 -8.88
C VAL A 119 -3.12 -0.29 -9.41
N PHE A 120 -2.04 0.29 -9.90
CA PHE A 120 -0.94 -0.49 -10.44
C PHE A 120 0.01 -0.96 -9.34
N ASN A 121 0.13 -2.27 -9.23
CA ASN A 121 0.98 -2.89 -8.22
C ASN A 121 2.45 -2.82 -8.66
N GLY A 122 3.07 -1.67 -8.43
CA GLY A 122 4.47 -1.48 -8.80
C GLY A 122 4.69 -0.58 -10.02
N LYS A 123 5.79 0.16 -10.00
CA LYS A 123 6.14 1.06 -11.11
C LYS A 123 6.36 0.29 -12.39
N CYS A 124 6.87 -0.93 -12.25
CA CYS A 124 7.16 -1.77 -13.42
C CYS A 124 5.94 -1.98 -14.30
N ILE A 125 4.84 -2.40 -13.70
CA ILE A 125 3.64 -2.65 -14.47
C ILE A 125 3.06 -1.34 -15.04
N TYR A 126 3.14 -0.25 -14.29
CA TYR A 126 2.61 0.98 -14.85
C TYR A 126 3.47 1.44 -16.03
N GLU A 127 4.78 1.23 -15.93
CA GLU A 127 5.69 1.60 -17.02
C GLU A 127 5.34 0.81 -18.28
N ILE A 128 5.06 -0.48 -18.10
CA ILE A 128 4.70 -1.34 -19.21
C ILE A 128 3.38 -0.88 -19.80
N PHE A 129 2.40 -0.64 -18.93
CA PHE A 129 1.08 -0.18 -19.34
C PHE A 129 1.14 1.10 -20.15
N SER A 130 1.92 2.07 -19.65
CA SER A 130 2.05 3.34 -20.36
C SER A 130 2.67 3.14 -21.74
N LYS A 131 3.70 2.30 -21.81
CA LYS A 131 4.38 2.04 -23.07
C LYS A 131 3.51 1.34 -24.11
N GLU A 132 2.85 0.26 -23.70
CA GLU A 132 2.02 -0.52 -24.62
C GLU A 132 0.59 -0.03 -24.81
N VAL A 133 0.08 0.78 -23.89
CA VAL A 133 -1.28 1.29 -24.05
C VAL A 133 -1.28 2.77 -24.49
N PHE A 134 -0.56 3.61 -23.76
CA PHE A 134 -0.49 5.03 -24.09
C PHE A 134 0.51 5.30 -25.21
N GLY A 135 1.47 4.40 -25.38
CA GLY A 135 2.48 4.58 -26.40
C GLY A 135 3.44 5.66 -25.91
N VAL A 136 3.66 5.66 -24.59
CA VAL A 136 4.53 6.66 -23.97
C VAL A 136 5.47 6.07 -22.93
N LYS A 137 6.77 6.28 -23.11
CA LYS A 137 7.75 5.82 -22.15
C LYS A 137 7.76 6.91 -21.07
N VAL A 138 7.11 6.64 -19.94
CA VAL A 138 7.03 7.61 -18.86
C VAL A 138 8.39 8.03 -18.31
N LYS A 139 8.55 9.33 -18.10
CA LYS A 139 9.79 9.87 -17.56
C LYS A 139 9.58 10.37 -16.13
N ASN A 140 10.52 10.05 -15.25
CA ASN A 140 10.44 10.47 -13.86
C ASN A 140 9.12 10.03 -13.22
N LEU A 141 8.81 8.75 -13.37
CA LEU A 141 7.60 8.18 -12.79
C LEU A 141 7.66 8.25 -11.27
N GLU A 142 6.64 8.85 -10.67
CA GLU A 142 6.54 8.98 -9.22
C GLU A 142 5.47 8.02 -8.74
N PHE A 143 5.52 7.65 -7.46
CA PHE A 143 4.49 6.78 -6.90
C PHE A 143 3.27 7.67 -6.69
N GLY A 144 2.12 7.06 -6.46
CA GLY A 144 0.92 7.83 -6.23
C GLY A 144 0.07 8.05 -7.48
N LEU A 145 -0.68 9.14 -7.46
CA LEU A 145 -1.57 9.45 -8.55
C LEU A 145 -0.84 9.92 -9.81
N GLN A 146 -1.35 9.47 -10.95
CA GLN A 146 -0.79 9.82 -12.25
C GLN A 146 -1.76 10.80 -12.89
N PRO A 147 -1.28 11.62 -13.84
CA PRO A 147 -2.14 12.60 -14.50
C PRO A 147 -3.06 12.05 -15.59
N HIS A 148 -2.77 10.86 -16.08
CA HIS A 148 -3.57 10.24 -17.13
C HIS A 148 -4.59 9.24 -16.61
N LYS A 149 -5.73 9.16 -17.30
CA LYS A 149 -6.79 8.23 -16.94
C LYS A 149 -6.78 7.06 -17.91
N ILE A 150 -7.44 5.97 -17.55
CA ILE A 150 -7.53 4.82 -18.42
C ILE A 150 -8.25 5.33 -19.67
N PRO A 151 -7.73 4.99 -20.88
CA PRO A 151 -8.33 5.44 -22.14
C PRO A 151 -9.85 5.53 -22.21
N ASP A 152 -10.33 6.73 -22.51
CA ASP A 152 -11.75 7.02 -22.67
C ASP A 152 -12.64 6.71 -21.47
N THR A 153 -12.13 6.93 -20.26
CA THR A 153 -12.90 6.71 -19.04
C THR A 153 -12.48 7.73 -18.01
N GLU A 154 -13.14 7.69 -16.86
CA GLU A 154 -12.84 8.58 -15.76
C GLU A 154 -12.02 7.84 -14.71
N THR A 155 -11.57 6.64 -15.04
CA THR A 155 -10.79 5.83 -14.12
C THR A 155 -9.40 6.40 -13.94
N LEU A 156 -9.05 6.66 -12.68
CA LEU A 156 -7.73 7.20 -12.35
C LEU A 156 -6.68 6.11 -12.34
N CYS A 157 -5.42 6.51 -12.42
CA CYS A 157 -4.30 5.57 -12.40
C CYS A 157 -3.49 5.92 -11.15
N TYR A 158 -3.31 4.94 -10.29
CA TYR A 158 -2.56 5.13 -9.06
C TYR A 158 -1.44 4.09 -9.02
N VAL A 159 -0.22 4.52 -8.73
CA VAL A 159 0.93 3.62 -8.68
C VAL A 159 1.48 3.44 -7.27
N MET A 160 1.61 2.17 -6.86
CA MET A 160 2.14 1.85 -5.53
C MET A 160 3.36 0.93 -5.67
N PRO A 161 4.16 0.80 -4.61
CA PRO A 161 5.33 -0.05 -4.65
C PRO A 161 4.87 -1.51 -4.79
N SER A 162 5.62 -2.30 -5.55
CA SER A 162 5.28 -3.70 -5.75
C SER A 162 5.09 -4.42 -4.42
N SER A 163 4.01 -5.20 -4.28
CA SER A 163 3.74 -5.93 -3.05
C SER A 163 4.58 -7.19 -2.90
N SER A 164 5.20 -7.64 -3.99
CA SER A 164 6.04 -8.83 -3.93
C SER A 164 7.22 -8.60 -3.00
N ALA A 165 7.58 -9.61 -2.22
CA ALA A 165 8.69 -9.50 -1.29
C ALA A 165 10.01 -9.31 -2.05
N ARG A 166 9.97 -9.54 -3.35
CA ARG A 166 11.15 -9.39 -4.21
C ARG A 166 11.51 -7.93 -4.43
N CYS A 167 10.57 -7.03 -4.16
CA CYS A 167 10.84 -5.60 -4.34
C CYS A 167 12.09 -5.24 -3.56
N ALA A 168 13.10 -4.72 -4.26
CA ALA A 168 14.36 -4.36 -3.62
C ALA A 168 14.32 -3.00 -2.89
N GLN A 169 13.57 -2.07 -3.44
CA GLN A 169 13.49 -0.75 -2.84
C GLN A 169 12.80 -0.72 -1.47
N PHE A 170 11.82 -1.60 -1.26
CA PHE A 170 11.07 -1.66 0.00
C PHE A 170 10.97 -3.09 0.52
N PRO A 171 11.87 -3.50 1.42
CA PRO A 171 11.94 -4.85 2.03
C PRO A 171 10.74 -5.34 2.82
N ARG A 172 10.08 -4.46 3.57
CA ARG A 172 8.96 -4.87 4.41
C ARG A 172 7.61 -4.26 4.05
N ALA A 173 6.55 -4.88 4.55
CA ALA A 173 5.21 -4.39 4.31
C ALA A 173 5.11 -2.95 4.78
N GLN A 174 5.69 -2.67 5.96
CA GLN A 174 5.66 -1.32 6.50
C GLN A 174 6.41 -0.30 5.65
N ASP A 175 7.28 -0.77 4.76
CA ASP A 175 8.02 0.15 3.89
C ASP A 175 7.20 0.51 2.65
N LYS A 176 6.06 -0.15 2.48
CA LYS A 176 5.19 0.08 1.32
C LYS A 176 3.82 0.62 1.69
N VAL A 177 3.36 0.28 2.89
CA VAL A 177 2.04 0.68 3.36
C VAL A 177 1.68 2.16 3.23
N HIS A 178 2.68 3.03 3.25
CA HIS A 178 2.46 4.47 3.13
C HIS A 178 1.55 4.78 1.93
N TYR A 179 1.80 4.12 0.80
CA TYR A 179 0.99 4.37 -0.38
C TYR A 179 -0.40 3.73 -0.34
N TYR A 180 -0.59 2.72 0.51
CA TYR A 180 -1.90 2.10 0.66
C TYR A 180 -2.71 3.08 1.49
N ILE A 181 -2.04 3.75 2.42
CA ILE A 181 -2.67 4.75 3.28
C ILE A 181 -3.10 5.94 2.41
N LYS A 182 -2.19 6.39 1.55
CA LYS A 182 -2.48 7.50 0.65
C LYS A 182 -3.60 7.14 -0.31
N LEU A 183 -3.65 5.86 -0.71
CA LEU A 183 -4.69 5.38 -1.61
C LEU A 183 -6.04 5.40 -0.88
N LYS A 184 -6.02 5.05 0.40
CA LYS A 184 -7.23 5.05 1.21
C LYS A 184 -7.73 6.48 1.34
N ASP A 185 -6.81 7.41 1.60
CA ASP A 185 -7.17 8.81 1.73
C ASP A 185 -7.81 9.32 0.43
N LEU A 186 -7.22 8.94 -0.70
CA LEU A 186 -7.76 9.36 -1.99
C LEU A 186 -9.15 8.74 -2.18
N ARG A 187 -9.26 7.44 -1.90
CA ARG A 187 -10.54 6.73 -2.03
C ARG A 187 -11.63 7.44 -1.22
N ASP A 188 -11.35 7.73 0.04
CA ASP A 188 -12.34 8.41 0.88
C ASP A 188 -12.76 9.74 0.26
N GLN A 189 -11.79 10.48 -0.24
CA GLN A 189 -12.05 11.76 -0.88
C GLN A 189 -13.03 11.59 -2.03
N LEU A 190 -12.79 10.60 -2.88
CA LEU A 190 -13.67 10.36 -4.02
C LEU A 190 -15.09 10.02 -3.58
N LYS A 191 -15.22 9.34 -2.45
CA LYS A 191 -16.54 8.95 -1.97
C LYS A 191 -17.08 9.97 -0.98
N GLY A 192 -16.37 11.08 -0.80
CA GLY A 192 -16.81 12.10 0.11
C GLY A 192 -16.86 11.62 1.54
N ILE A 193 -16.14 10.53 1.81
CA ILE A 193 -16.07 9.96 3.15
C ILE A 193 -15.33 10.95 4.04
N GLU A 194 -15.93 11.27 5.18
CA GLU A 194 -15.33 12.23 6.11
C GLU A 194 -13.92 11.78 6.48
N ARG A 195 -12.94 12.64 6.21
CA ARG A 195 -11.55 12.34 6.50
C ARG A 195 -11.15 13.02 7.81
N ASN A 196 -10.63 12.25 8.75
CA ASN A 196 -10.19 12.80 10.03
C ASN A 196 -8.85 13.48 9.81
N MET A 197 -8.89 14.80 9.62
CA MET A 197 -7.68 15.57 9.38
C MET A 197 -6.89 15.92 10.63
N ASP A 198 -7.19 15.26 11.75
CA ASP A 198 -6.44 15.52 12.98
C ASP A 198 -5.03 14.99 12.76
N VAL A 199 -4.96 13.80 12.15
CA VAL A 199 -3.69 13.14 11.88
C VAL A 199 -3.61 12.70 10.43
N GLN A 200 -2.50 13.05 9.77
CA GLN A 200 -2.30 12.67 8.38
C GLN A 200 -0.84 12.34 8.11
N GLU A 201 -0.59 11.12 7.65
CA GLU A 201 0.77 10.70 7.33
C GLU A 201 1.13 11.34 6.00
N VAL A 202 2.23 12.08 5.97
CA VAL A 202 2.63 12.76 4.75
C VAL A 202 3.95 12.29 4.15
N GLN A 203 4.76 11.57 4.92
CA GLN A 203 6.03 11.10 4.37
C GLN A 203 6.60 9.92 5.14
N TYR A 204 7.29 9.05 4.43
CA TYR A 204 7.91 7.89 5.04
C TYR A 204 9.28 7.61 4.43
N THR A 205 10.29 7.63 5.27
CA THR A 205 11.65 7.36 4.82
C THR A 205 12.21 6.34 5.78
N PHE A 206 13.22 5.59 5.36
CA PHE A 206 13.78 4.55 6.20
C PHE A 206 15.15 4.16 5.73
N ASP A 207 15.82 3.34 6.54
CA ASP A 207 17.15 2.86 6.23
C ASP A 207 17.03 1.52 5.55
N LEU A 208 17.39 1.47 4.27
CA LEU A 208 17.30 0.25 3.47
C LEU A 208 17.95 -0.97 4.09
N GLN A 209 19.23 -0.85 4.47
CA GLN A 209 19.93 -1.98 5.03
C GLN A 209 19.31 -2.55 6.32
N LEU A 210 18.93 -1.68 7.26
CA LEU A 210 18.30 -2.16 8.48
C LEU A 210 16.95 -2.82 8.18
N ALA A 211 16.30 -2.36 7.11
CA ALA A 211 15.01 -2.91 6.71
C ALA A 211 15.19 -4.32 6.18
N GLN A 212 16.20 -4.51 5.35
CA GLN A 212 16.48 -5.82 4.78
C GLN A 212 16.79 -6.81 5.91
N GLU A 213 17.65 -6.38 6.82
CA GLU A 213 18.03 -7.23 7.95
C GLU A 213 16.82 -7.55 8.83
N ASP A 214 15.95 -6.58 9.03
CA ASP A 214 14.74 -6.76 9.84
C ASP A 214 13.82 -7.76 9.14
N ALA A 215 13.65 -7.60 7.83
CA ALA A 215 12.80 -8.49 7.05
C ALA A 215 13.31 -9.92 7.14
N LYS A 216 14.64 -10.07 7.11
CA LYS A 216 15.26 -11.38 7.18
C LYS A 216 14.93 -12.03 8.53
N LYS A 217 15.21 -11.33 9.62
CA LYS A 217 14.94 -11.85 10.96
C LYS A 217 13.50 -12.32 11.14
N MET A 218 12.54 -11.45 10.84
CA MET A 218 11.13 -11.80 10.99
C MET A 218 10.80 -13.04 10.16
N ALA A 219 11.44 -13.14 8.99
CA ALA A 219 11.22 -14.27 8.10
C ALA A 219 11.77 -15.56 8.71
N VAL A 220 12.73 -15.43 9.62
CA VAL A 220 13.32 -16.60 10.26
C VAL A 220 12.46 -17.08 11.43
N LYS A 221 11.82 -16.14 12.12
CA LYS A 221 10.97 -16.46 13.25
C LYS A 221 9.74 -17.23 12.76
N GLU A 222 9.70 -18.53 13.05
CA GLU A 222 8.58 -19.38 12.63
C GLU A 222 7.34 -19.16 13.49
N GLU A 223 6.69 -18.01 13.30
CA GLU A 223 5.49 -17.65 14.04
C GLU A 223 5.75 -17.51 15.53
N GLY B 19 -8.40 24.85 12.81
CA GLY B 19 -7.26 25.35 13.65
C GLY B 19 -5.94 25.23 12.93
N GLU B 20 -4.84 25.29 13.67
CA GLU B 20 -3.53 25.19 13.05
C GLU B 20 -2.94 23.80 13.21
N TYR B 21 -2.06 23.43 12.29
CA TYR B 21 -1.43 22.11 12.30
C TYR B 21 0.08 22.27 12.22
N ILE B 22 0.80 21.21 12.60
CA ILE B 22 2.26 21.20 12.52
C ILE B 22 2.70 19.83 12.02
N LYS B 23 3.89 19.77 11.43
CA LYS B 23 4.40 18.50 10.93
C LYS B 23 5.35 17.90 11.97
N LEU B 24 5.07 16.67 12.38
CA LEU B 24 5.89 15.99 13.37
C LEU B 24 6.59 14.80 12.73
N LYS B 25 7.80 14.52 13.18
CA LYS B 25 8.57 13.41 12.65
C LYS B 25 8.69 12.34 13.72
N VAL B 26 8.18 11.15 13.43
CA VAL B 26 8.25 10.05 14.38
C VAL B 26 9.36 9.09 13.94
N ILE B 27 10.37 8.96 14.78
CA ILE B 27 11.53 8.12 14.48
C ILE B 27 11.56 6.84 15.31
N GLY B 28 11.73 5.72 14.63
CA GLY B 28 11.79 4.43 15.28
C GLY B 28 13.22 3.98 15.46
N GLN B 29 13.42 2.86 16.16
CA GLN B 29 14.75 2.34 16.40
C GLN B 29 15.42 1.75 15.16
N ASP B 30 14.65 1.55 14.10
CA ASP B 30 15.17 1.03 12.84
C ASP B 30 15.47 2.22 11.93
N SER B 31 15.47 3.40 12.54
CA SER B 31 15.72 4.66 11.85
C SER B 31 14.67 5.01 10.81
N SER B 32 13.52 4.35 10.88
CA SER B 32 12.43 4.69 9.97
C SER B 32 11.95 6.02 10.51
N GLU B 33 11.56 6.93 9.63
CA GLU B 33 11.09 8.25 10.04
C GLU B 33 9.77 8.51 9.34
N ILE B 34 8.72 8.70 10.12
CA ILE B 34 7.39 8.91 9.57
C ILE B 34 6.87 10.30 9.93
N HIS B 35 6.59 11.10 8.91
CA HIS B 35 6.09 12.45 9.09
C HIS B 35 4.56 12.45 9.12
N PHE B 36 3.99 13.21 10.05
CA PHE B 36 2.54 13.33 10.18
C PHE B 36 2.15 14.78 10.30
N LYS B 37 1.07 15.18 9.64
CA LYS B 37 0.59 16.55 9.79
C LYS B 37 -0.44 16.40 10.91
N VAL B 38 -0.20 17.08 12.03
CA VAL B 38 -1.10 16.95 13.18
C VAL B 38 -1.73 18.26 13.64
N LYS B 39 -2.98 18.18 14.09
CA LYS B 39 -3.70 19.35 14.57
C LYS B 39 -3.22 19.65 15.99
N MET B 40 -2.84 20.91 16.24
CA MET B 40 -2.32 21.34 17.54
C MET B 40 -3.19 21.01 18.76
N THR B 41 -4.51 21.03 18.62
CA THR B 41 -5.40 20.78 19.75
C THR B 41 -6.01 19.39 19.83
N THR B 42 -5.42 18.41 19.14
CA THR B 42 -5.99 17.06 19.18
C THR B 42 -5.20 16.10 20.05
N HIS B 43 -5.92 15.18 20.70
CA HIS B 43 -5.30 14.18 21.55
C HIS B 43 -4.40 13.30 20.70
N LEU B 44 -3.15 13.16 21.10
CA LEU B 44 -2.19 12.37 20.36
C LEU B 44 -2.49 10.88 20.32
N LYS B 45 -3.58 10.47 20.97
CA LYS B 45 -3.97 9.07 20.96
C LYS B 45 -4.14 8.62 19.50
N LYS B 46 -4.72 9.49 18.69
CA LYS B 46 -4.94 9.20 17.27
C LYS B 46 -3.61 8.96 16.54
N LEU B 47 -2.61 9.77 16.86
CA LEU B 47 -1.29 9.63 16.24
C LEU B 47 -0.70 8.28 16.60
N LYS B 48 -0.69 7.98 17.89
CA LYS B 48 -0.15 6.72 18.39
C LYS B 48 -0.91 5.54 17.77
N GLU B 49 -2.22 5.66 17.67
CA GLU B 49 -3.02 4.59 17.09
C GLU B 49 -2.70 4.42 15.62
N SER B 50 -2.65 5.53 14.88
CA SER B 50 -2.33 5.50 13.46
C SER B 50 -0.97 4.84 13.25
N TYR B 51 -0.01 5.26 14.07
CA TYR B 51 1.36 4.77 13.99
C TYR B 51 1.45 3.26 14.23
N CYS B 52 0.90 2.81 15.36
CA CYS B 52 0.92 1.40 15.69
C CYS B 52 0.28 0.53 14.61
N GLN B 53 -0.86 0.96 14.09
CA GLN B 53 -1.52 0.18 13.06
C GLN B 53 -0.72 0.10 11.77
N ARG B 54 -0.23 1.24 11.28
CA ARG B 54 0.53 1.25 10.04
C ARG B 54 1.86 0.52 10.18
N GLN B 55 2.36 0.41 11.41
CA GLN B 55 3.63 -0.31 11.67
C GLN B 55 3.34 -1.78 11.96
N GLY B 56 2.07 -2.10 12.14
CA GLY B 56 1.68 -3.48 12.41
C GLY B 56 1.99 -4.00 13.80
N VAL B 57 1.92 -3.14 14.81
CA VAL B 57 2.21 -3.56 16.18
C VAL B 57 1.11 -3.11 17.13
N PRO B 58 0.96 -3.80 18.28
CA PRO B 58 -0.06 -3.49 19.29
C PRO B 58 0.17 -2.11 19.90
N MET B 59 -0.92 -1.44 20.28
CA MET B 59 -0.83 -0.11 20.88
C MET B 59 0.00 -0.11 22.18
N ASN B 60 0.00 -1.24 22.88
CA ASN B 60 0.74 -1.34 24.14
C ASN B 60 2.18 -1.83 23.99
N SER B 61 2.65 -1.97 22.76
CA SER B 61 4.01 -2.45 22.53
C SER B 61 5.00 -1.31 22.36
N LEU B 62 4.49 -0.08 22.32
CA LEU B 62 5.34 1.08 22.12
C LEU B 62 5.08 2.24 23.08
N ARG B 63 6.10 3.06 23.29
CA ARG B 63 5.98 4.24 24.12
C ARG B 63 6.53 5.38 23.26
N PHE B 64 5.82 6.50 23.25
CA PHE B 64 6.20 7.65 22.45
C PHE B 64 6.72 8.76 23.33
N LEU B 65 7.92 9.25 22.99
CA LEU B 65 8.54 10.32 23.77
C LEU B 65 8.80 11.58 22.97
N PHE B 66 8.62 12.71 23.64
CA PHE B 66 8.87 14.01 23.03
C PHE B 66 9.86 14.73 23.94
N GLU B 67 11.11 14.75 23.52
CA GLU B 67 12.18 15.39 24.29
C GLU B 67 12.16 14.95 25.75
N GLY B 68 12.24 13.64 25.95
CA GLY B 68 12.26 13.08 27.29
C GLY B 68 10.93 12.82 27.96
N GLN B 69 9.86 13.45 27.46
CA GLN B 69 8.53 13.27 28.07
C GLN B 69 7.69 12.23 27.33
N ARG B 70 7.20 11.25 28.07
CA ARG B 70 6.36 10.21 27.48
C ARG B 70 5.04 10.87 27.15
N ILE B 71 4.50 10.53 25.98
CA ILE B 71 3.25 11.11 25.53
C ILE B 71 2.04 10.30 25.93
N ALA B 72 1.14 10.95 26.67
CA ALA B 72 -0.08 10.29 27.12
C ALA B 72 -1.11 10.38 26.01
N ASP B 73 -2.10 9.51 26.05
CA ASP B 73 -3.16 9.48 25.05
C ASP B 73 -3.92 10.80 24.98
N ASN B 74 -4.03 11.50 26.10
CA ASN B 74 -4.77 12.77 26.11
C ASN B 74 -3.91 14.04 26.07
N HIS B 75 -2.65 13.88 25.69
CA HIS B 75 -1.75 15.02 25.55
C HIS B 75 -2.01 15.53 24.14
N THR B 76 -1.85 16.84 23.93
CA THR B 76 -2.03 17.41 22.61
C THR B 76 -0.71 18.09 22.31
N PRO B 77 -0.42 18.35 21.02
CA PRO B 77 0.84 19.02 20.69
C PRO B 77 0.96 20.36 21.40
N LYS B 78 -0.16 21.08 21.47
CA LYS B 78 -0.17 22.38 22.13
C LYS B 78 0.17 22.26 23.62
N GLU B 79 -0.36 21.23 24.28
CA GLU B 79 -0.09 21.03 25.70
C GLU B 79 1.38 20.74 25.95
N LEU B 80 2.01 20.01 25.03
CA LEU B 80 3.42 19.64 25.16
C LEU B 80 4.39 20.69 24.66
N GLY B 81 3.86 21.75 24.05
CA GLY B 81 4.73 22.80 23.54
C GLY B 81 5.45 22.37 22.28
N MET B 82 4.80 21.53 21.48
CA MET B 82 5.40 21.06 20.24
C MET B 82 5.28 22.10 19.13
N GLU B 83 6.26 22.09 18.24
CA GLU B 83 6.27 23.02 17.11
C GLU B 83 6.67 22.31 15.83
N GLU B 84 6.50 23.02 14.72
CA GLU B 84 6.84 22.50 13.40
C GLU B 84 8.19 21.78 13.38
N GLU B 85 8.21 20.57 12.81
CA GLU B 85 9.43 19.78 12.68
C GLU B 85 9.93 19.09 13.95
N ASP B 86 9.19 19.17 15.05
CA ASP B 86 9.61 18.52 16.27
C ASP B 86 9.67 17.01 16.05
N VAL B 87 10.52 16.34 16.82
CA VAL B 87 10.70 14.90 16.70
C VAL B 87 10.15 14.10 17.87
N ILE B 88 9.50 12.99 17.55
CA ILE B 88 8.97 12.09 18.56
C ILE B 88 9.73 10.78 18.36
N GLU B 89 10.26 10.23 19.44
CA GLU B 89 11.01 8.98 19.38
C GLU B 89 10.16 7.86 19.94
N VAL B 90 10.16 6.73 19.25
CA VAL B 90 9.37 5.58 19.67
C VAL B 90 10.26 4.42 20.12
N TYR B 91 9.92 3.82 21.25
CA TYR B 91 10.69 2.69 21.77
C TYR B 91 9.77 1.52 22.05
N GLN B 92 10.33 0.32 22.01
CA GLN B 92 9.56 -0.90 22.28
C GLN B 92 9.45 -1.10 23.78
N GLU B 93 8.36 -1.71 24.21
CA GLU B 93 8.14 -2.00 25.61
C GLU B 93 8.78 -3.35 25.92
N GLN B 94 9.07 -4.11 24.88
CA GLN B 94 9.68 -5.42 25.03
C GLN B 94 10.80 -5.62 24.00
N THR B 95 11.65 -6.62 24.25
CA THR B 95 12.78 -6.92 23.37
C THR B 95 12.36 -7.26 21.95
N GLY B 96 13.32 -7.14 21.02
CA GLY B 96 13.06 -7.44 19.61
C GLY B 96 12.13 -8.61 19.35
N GLY B 97 11.42 -8.54 18.24
CA GLY B 97 10.47 -9.58 17.88
C GLY B 97 11.06 -10.90 17.40
CL CL C . 7.80 -0.54 -7.40
CL CL D . -2.14 -14.73 2.27
CL CL E . 4.69 -25.84 -15.85
MG MG F . 5.59 2.93 4.04
MG MG G . -3.88 -8.07 -9.28
NA NA H . -1.80 6.85 27.41
MG MG I . -8.53 17.13 26.62
MG MG J . 11.26 23.42 21.03
MG MG K . -4.79 21.78 23.32
#